data_8EHH
#
_entry.id   8EHH
#
_cell.length_a   44.480
_cell.length_b   45.590
_cell.length_c   117.670
_cell.angle_alpha   90.000
_cell.angle_beta   90.000
_cell.angle_gamma   90.000
#
_symmetry.space_group_name_H-M   'P 21 21 21'
#
loop_
_entity.id
_entity.type
_entity.pdbx_description
1 polymer Beta-lactamase
2 non-polymer (2S,5R)-1-formyl-N-(piperidin-4-yl)-5-[(sulfooxy)amino]piperidine-2-carboxamide
3 water water
#
_entity_poly.entity_id   1
_entity_poly.type   'polypeptide(L)'
_entity_poly.pdbx_seq_one_letter_code
;QTADVQQKLAELERQSGGRLGVALINTADNSQILYRADERFAMCSTSKVMAAAAVLKKSESEPSLLNQRVEIKKSDLVNY
NPIAEKHVNGTMSLAELSAAALQYSDNVAMNKLIAHVGGPASVTAFARQLGDETFRLDRTEPTLNTAIPGDPRDTTSPRA
MAQTLRNLTLGKALGDSQRAQLVTWMKGNTTGAASIQAGLPASWVVGDKTGSGGYGTTNDIAVIWPKDRAPLILVTYFTQ
PQPKAESRRDILASAAKIVTDGL
;
_entity_poly.pdbx_strand_id   A
#
loop_
_chem_comp.id
_chem_comp.type
_chem_comp.name
_chem_comp.formula
MK7 non-polymer (2S,5R)-1-formyl-N-(piperidin-4-yl)-5-[(sulfooxy)amino]piperidine-2-carboxamide 'C12 H22 N4 O6 S'
#
# COMPACT_ATOMS: atom_id res chain seq x y z
N ASP A 4 -5.10 -3.49 -28.06
CA ASP A 4 -3.90 -3.16 -27.30
C ASP A 4 -4.23 -3.02 -25.82
N VAL A 5 -3.17 -2.74 -25.05
CA VAL A 5 -3.30 -2.81 -23.60
C VAL A 5 -4.28 -1.76 -23.10
N GLN A 6 -4.25 -0.56 -23.70
CA GLN A 6 -5.17 0.49 -23.28
C GLN A 6 -6.61 0.12 -23.53
N GLN A 7 -6.89 -0.44 -24.71
CA GLN A 7 -8.25 -0.88 -24.99
C GLN A 7 -8.69 -1.96 -24.02
N LYS A 8 -7.80 -2.90 -23.71
CA LYS A 8 -8.16 -3.98 -22.79
C LYS A 8 -8.46 -3.44 -21.40
N LEU A 9 -7.67 -2.47 -20.93
CA LEU A 9 -7.94 -1.89 -19.62
C LEU A 9 -9.24 -1.10 -19.61
N ALA A 10 -9.51 -0.36 -20.70
CA ALA A 10 -10.77 0.39 -20.76
C ALA A 10 -11.97 -0.56 -20.76
N GLU A 11 -11.84 -1.68 -21.45
CA GLU A 11 -12.91 -2.67 -21.51
C GLU A 11 -13.13 -3.31 -20.14
N LEU A 12 -12.03 -3.65 -19.45
CA LEU A 12 -12.15 -4.19 -18.10
C LEU A 12 -12.83 -3.18 -17.18
N GLU A 13 -12.41 -1.92 -17.27
CA GLU A 13 -13.05 -0.90 -16.45
C GLU A 13 -14.54 -0.82 -16.75
N ARG A 14 -14.91 -0.81 -18.03
CA ARG A 14 -16.33 -0.75 -18.37
C ARG A 14 -17.08 -1.92 -17.73
N GLN A 15 -16.56 -3.14 -17.89
CA GLN A 15 -17.23 -4.31 -17.34
C GLN A 15 -17.39 -4.18 -15.83
N SER A 16 -16.38 -3.58 -15.18
CA SER A 16 -16.38 -3.50 -13.72
C SER A 16 -17.45 -2.56 -13.20
N GLY A 17 -17.85 -1.58 -14.00
CA GLY A 17 -18.76 -0.54 -13.56
C GLY A 17 -18.16 0.57 -12.70
N GLY A 18 -16.88 0.52 -12.41
CA GLY A 18 -16.22 1.51 -11.57
C GLY A 18 -15.12 2.28 -12.28
N ARG A 19 -14.15 2.73 -11.50
CA ARG A 19 -13.05 3.56 -11.97
C ARG A 19 -11.76 2.88 -11.57
N LEU A 20 -10.93 2.58 -12.56
CA LEU A 20 -9.72 1.78 -12.42
C LEU A 20 -8.50 2.65 -12.71
N GLY A 21 -7.50 2.54 -11.84
CA GLY A 21 -6.23 3.23 -12.02
C GLY A 21 -5.08 2.24 -11.95
N VAL A 22 -4.22 2.30 -12.97
CA VAL A 22 -3.12 1.35 -13.07
C VAL A 22 -1.84 2.10 -13.39
N ALA A 23 -0.76 1.69 -12.72
CA ALA A 23 0.58 2.10 -13.14
C ALA A 23 1.52 0.91 -12.97
N LEU A 24 2.13 0.50 -14.06
CA LEU A 24 3.16 -0.51 -14.09
C LEU A 24 4.47 0.15 -14.49
N ILE A 25 5.53 -0.14 -13.75
CA ILE A 25 6.89 0.23 -14.12
C ILE A 25 7.64 -1.07 -14.37
N ASN A 26 8.20 -1.20 -15.57
CA ASN A 26 9.02 -2.34 -15.95
C ASN A 26 10.46 -1.86 -15.85
N THR A 27 11.15 -2.33 -14.82
CA THR A 27 12.51 -1.84 -14.63
C THR A 27 13.50 -2.40 -15.65
N ALA A 28 13.12 -3.35 -16.50
CA ALA A 28 14.01 -3.79 -17.57
C ALA A 28 14.41 -2.64 -18.48
N ASP A 29 13.43 -1.81 -18.85
CA ASP A 29 13.66 -0.73 -19.80
C ASP A 29 13.14 0.61 -19.29
N ASN A 30 12.79 0.69 -18.01
CA ASN A 30 12.18 1.91 -17.48
C ASN A 30 10.93 2.31 -18.26
N SER A 31 10.19 1.34 -18.75
CA SER A 31 8.93 1.67 -19.41
C SER A 31 7.78 1.63 -18.43
N GLN A 32 6.68 2.23 -18.83
CA GLN A 32 5.49 2.28 -18.00
C GLN A 32 4.25 1.95 -18.81
N ILE A 33 3.27 1.35 -18.14
CA ILE A 33 1.91 1.21 -18.64
C ILE A 33 1.02 1.95 -17.65
N LEU A 34 0.24 2.89 -18.15
CA LEU A 34 -0.49 3.85 -17.34
C LEU A 34 -1.94 3.91 -17.77
N TYR A 35 -2.85 3.93 -16.78
CA TYR A 35 -4.28 4.04 -17.05
C TYR A 35 -4.89 4.85 -15.91
N ARG A 36 -5.43 6.02 -16.22
CA ARG A 36 -5.90 6.97 -15.20
C ARG A 36 -4.81 7.22 -14.17
N ALA A 37 -3.55 7.24 -14.61
CA ALA A 37 -2.46 7.15 -13.65
C ALA A 37 -2.21 8.45 -12.90
N ASP A 38 -2.77 9.56 -13.35
CA ASP A 38 -2.67 10.82 -12.64
C ASP A 38 -3.93 11.19 -11.87
N GLU A 39 -4.95 10.34 -11.88
CA GLU A 39 -6.14 10.57 -11.08
C GLU A 39 -5.90 10.12 -9.65
N ARG A 40 -6.64 10.73 -8.74
CA ARG A 40 -6.56 10.40 -7.33
C ARG A 40 -7.51 9.27 -6.96
N PHE A 41 -7.03 8.40 -6.09
CA PHE A 41 -7.78 7.29 -5.53
C PHE A 41 -7.48 7.19 -4.05
N ALA A 42 -8.48 6.85 -3.25
CA ALA A 42 -8.28 6.63 -1.83
C ALA A 42 -7.40 5.39 -1.63
N MET A 43 -6.33 5.54 -0.85
CA MET A 43 -5.32 4.49 -0.66
C MET A 43 -5.80 3.38 0.24
N CYS A 44 -6.63 3.71 1.23
CA CYS A 44 -7.01 2.77 2.26
C CYS A 44 -5.76 2.12 2.87
N SER A 45 -5.78 0.81 3.09
CA SER A 45 -4.68 0.19 3.83
C SER A 45 -3.37 0.21 3.05
N THR A 46 -3.37 0.52 1.74
CA THR A 46 -2.09 0.60 1.03
C THR A 46 -1.23 1.73 1.57
N SER A 47 -1.83 2.70 2.27
CA SER A 47 -1.05 3.78 2.90
C SER A 47 -0.18 3.28 4.03
N LYS A 48 -0.42 2.06 4.53
CA LYS A 48 0.40 1.51 5.61
C LYS A 48 1.84 1.33 5.17
N VAL A 49 2.09 1.12 3.88
CA VAL A 49 3.46 1.03 3.41
C VAL A 49 4.22 2.33 3.68
N MET A 50 3.59 3.48 3.43
CA MET A 50 4.27 4.75 3.63
C MET A 50 4.49 5.01 5.10
N ALA A 51 3.52 4.65 5.96
CA ALA A 51 3.70 4.85 7.39
C ALA A 51 4.86 4.00 7.92
N ALA A 52 4.91 2.73 7.52
CA ALA A 52 6.02 1.88 7.95
C ALA A 52 7.35 2.41 7.40
N ALA A 53 7.36 2.88 6.15
CA ALA A 53 8.58 3.42 5.58
C ALA A 53 9.05 4.67 6.33
N ALA A 54 8.11 5.50 6.80
CA ALA A 54 8.48 6.70 7.53
C ALA A 54 9.18 6.33 8.84
N VAL A 55 8.70 5.28 9.50
CA VAL A 55 9.36 4.81 10.73
C VAL A 55 10.72 4.23 10.40
N LEU A 56 10.83 3.43 9.33
CA LEU A 56 12.12 2.90 8.92
C LEU A 56 13.11 4.03 8.67
N LYS A 57 12.68 5.09 7.97
CA LYS A 57 13.57 6.22 7.73
C LYS A 57 14.07 6.81 9.04
N LYS A 58 13.19 7.03 10.00
CA LYS A 58 13.59 7.55 11.30
C LYS A 58 14.59 6.63 12.00
N SER A 59 14.43 5.31 11.83
CA SER A 59 15.30 4.35 12.50
C SER A 59 16.73 4.41 11.99
N GLU A 60 16.95 4.98 10.80
CA GLU A 60 18.30 5.08 10.27
C GLU A 60 19.20 5.93 11.16
N SER A 61 18.63 6.91 11.85
CA SER A 61 19.40 7.77 12.74
C SER A 61 19.10 7.50 14.20
N GLU A 62 18.30 6.48 14.49
CA GLU A 62 17.92 6.12 15.86
C GLU A 62 17.84 4.60 15.94
N PRO A 63 18.97 3.93 16.15
CA PRO A 63 19.00 2.46 16.00
C PRO A 63 18.16 1.72 17.01
N SER A 64 17.81 2.33 18.14
CA SER A 64 16.94 1.68 19.10
C SER A 64 15.47 1.73 18.69
N LEU A 65 15.12 2.46 17.63
CA LEU A 65 13.73 2.79 17.41
C LEU A 65 12.86 1.55 17.21
N LEU A 66 13.31 0.61 16.37
CA LEU A 66 12.45 -0.53 16.06
C LEU A 66 12.19 -1.38 17.30
N ASN A 67 13.04 -1.26 18.32
CA ASN A 67 12.82 -1.98 19.57
C ASN A 67 12.00 -1.20 20.60
N GLN A 68 11.66 0.06 20.34
CA GLN A 68 10.95 0.85 21.33
C GLN A 68 9.56 0.28 21.61
N ARG A 69 9.21 0.21 22.88
CA ARG A 69 7.94 -0.39 23.31
C ARG A 69 6.82 0.64 23.24
N VAL A 70 5.70 0.24 22.68
CA VAL A 70 4.52 1.07 22.57
C VAL A 70 3.38 0.40 23.31
N GLU A 71 2.75 1.12 24.23
CA GLU A 71 1.66 0.54 24.96
C GLU A 71 0.41 0.34 24.11
N ILE A 72 -0.27 -0.79 24.30
CA ILE A 72 -1.58 -1.05 23.72
C ILE A 72 -2.60 -1.06 24.85
N LYS A 73 -3.68 -0.29 24.69
CA LYS A 73 -4.75 -0.16 25.67
C LYS A 73 -6.11 -0.38 25.02
N LYS A 74 -7.14 -0.62 25.83
CA LYS A 74 -8.47 -0.75 25.25
C LYS A 74 -8.83 0.47 24.41
N SER A 75 -8.41 1.65 24.86
CA SER A 75 -8.73 2.89 24.17
C SER A 75 -8.09 2.95 22.79
N ASP A 76 -7.05 2.15 22.55
CA ASP A 76 -6.46 2.13 21.23
C ASP A 76 -7.24 1.27 20.27
N LEU A 77 -8.07 0.38 20.77
CA LEU A 77 -8.74 -0.55 19.90
C LEU A 77 -9.65 0.25 19.00
N VAL A 78 -9.73 -0.20 17.76
CA VAL A 78 -10.70 0.25 16.79
C VAL A 78 -11.53 -0.99 16.46
N ASN A 79 -11.76 -1.27 15.19
CA ASN A 79 -12.48 -2.49 14.89
C ASN A 79 -11.61 -3.61 14.35
N TYR A 80 -10.67 -3.30 13.49
CA TYR A 80 -9.82 -4.31 12.87
C TYR A 80 -8.46 -4.28 13.56
N ASN A 81 -8.24 -5.18 14.52
CA ASN A 81 -6.99 -5.19 15.29
C ASN A 81 -6.63 -6.62 15.72
N PRO A 82 -6.41 -7.52 14.75
CA PRO A 82 -6.14 -8.93 15.13
C PRO A 82 -4.90 -9.16 15.95
N ILE A 83 -3.87 -8.33 15.79
CA ILE A 83 -2.63 -8.50 16.54
C ILE A 83 -2.64 -7.65 17.81
N ALA A 84 -3.01 -6.37 17.71
CA ALA A 84 -2.96 -5.51 18.87
C ALA A 84 -3.89 -5.98 19.98
N GLU A 85 -5.04 -6.56 19.64
CA GLU A 85 -5.97 -7.01 20.66
C GLU A 85 -5.39 -8.11 21.53
N LYS A 86 -4.29 -8.74 21.11
CA LYS A 86 -3.64 -9.77 21.92
C LYS A 86 -2.64 -9.20 22.89
N HIS A 87 -2.42 -7.88 22.87
CA HIS A 87 -1.41 -7.24 23.70
C HIS A 87 -1.98 -6.10 24.52
N VAL A 88 -3.30 -6.11 24.75
CA VAL A 88 -3.91 -5.10 25.58
C VAL A 88 -3.31 -5.14 26.97
N ASN A 89 -2.95 -3.96 27.48
CA ASN A 89 -2.28 -3.78 28.77
C ASN A 89 -0.83 -4.22 28.74
N GLY A 90 -0.31 -4.51 27.56
CA GLY A 90 1.10 -4.78 27.34
C GLY A 90 1.65 -3.81 26.31
N THR A 91 2.78 -4.17 25.72
CA THR A 91 3.40 -3.36 24.69
C THR A 91 3.74 -4.21 23.48
N MET A 92 3.91 -3.53 22.35
CA MET A 92 4.50 -4.09 21.13
C MET A 92 5.63 -3.15 20.73
N SER A 93 6.70 -3.71 20.17
CA SER A 93 7.75 -2.85 19.63
C SER A 93 7.30 -2.24 18.31
N LEU A 94 8.01 -1.20 17.90
CA LEU A 94 7.72 -0.61 16.60
C LEU A 94 7.95 -1.58 15.44
N ALA A 95 8.93 -2.48 15.54
CA ALA A 95 9.08 -3.53 14.54
C ALA A 95 7.84 -4.40 14.50
N GLU A 96 7.35 -4.81 15.68
CA GLU A 96 6.17 -5.66 15.74
C GLU A 96 4.95 -4.94 15.18
N LEU A 97 4.80 -3.64 15.45
CA LEU A 97 3.68 -2.89 14.92
C LEU A 97 3.78 -2.77 13.40
N SER A 98 5.01 -2.59 12.89
CA SER A 98 5.18 -2.50 11.44
C SER A 98 4.80 -3.81 10.76
N ALA A 99 5.27 -4.93 11.33
CA ALA A 99 4.91 -6.23 10.79
C ALA A 99 3.41 -6.47 10.85
N ALA A 100 2.76 -6.09 11.96
CA ALA A 100 1.32 -6.28 12.08
C ALA A 100 0.56 -5.44 11.06
N ALA A 101 0.97 -4.19 10.86
CA ALA A 101 0.33 -3.31 9.90
C ALA A 101 0.47 -3.82 8.47
N LEU A 102 1.64 -4.36 8.14
CA LEU A 102 1.93 -4.76 6.77
C LEU A 102 1.51 -6.19 6.44
N GLN A 103 1.40 -7.07 7.43
CA GLN A 103 1.15 -8.49 7.19
C GLN A 103 -0.24 -8.95 7.65
N TYR A 104 -0.88 -8.22 8.55
CA TYR A 104 -2.22 -8.50 9.04
C TYR A 104 -3.13 -7.30 8.85
N SER A 105 -2.63 -6.23 8.27
CA SER A 105 -3.36 -5.01 8.10
C SER A 105 -4.08 -4.56 9.38
N ASP A 106 -3.41 -4.70 10.51
CA ASP A 106 -3.98 -4.28 11.80
C ASP A 106 -4.09 -2.76 11.79
N ASN A 107 -5.26 -2.21 12.14
CA ASN A 107 -5.46 -0.78 12.09
C ASN A 107 -4.93 -0.07 13.33
N VAL A 108 -4.91 -0.74 14.49
CA VAL A 108 -4.23 -0.16 15.64
C VAL A 108 -2.75 0.03 15.33
N ALA A 109 -2.13 -1.00 14.73
CA ALA A 109 -0.73 -0.90 14.40
C ALA A 109 -0.47 0.30 13.51
N MET A 110 -1.29 0.50 12.47
CA MET A 110 -1.16 1.68 11.63
C MET A 110 -1.23 2.96 12.47
N ASN A 111 -2.23 3.05 13.35
CA ASN A 111 -2.34 4.27 14.16
C ASN A 111 -1.10 4.51 15.02
N LYS A 112 -0.46 3.46 15.53
CA LYS A 112 0.74 3.66 16.31
C LYS A 112 1.90 4.10 15.45
N LEU A 113 2.03 3.62 14.22
CA LEU A 113 3.06 4.12 13.34
C LEU A 113 2.83 5.60 13.05
N ILE A 114 1.59 5.96 12.72
CA ILE A 114 1.24 7.35 12.43
C ILE A 114 1.61 8.23 13.62
N ALA A 115 1.17 7.84 14.80
CA ALA A 115 1.39 8.69 15.97
C ALA A 115 2.88 8.84 16.24
N HIS A 116 3.65 7.78 16.09
CA HIS A 116 5.04 7.86 16.46
C HIS A 116 5.75 8.93 15.64
N VAL A 117 5.50 8.95 14.32
CA VAL A 117 6.24 9.86 13.46
C VAL A 117 5.70 11.27 13.52
N GLY A 118 4.57 11.48 14.15
CA GLY A 118 4.06 12.82 14.35
C GLY A 118 2.72 13.06 13.75
N GLY A 119 2.10 12.04 13.14
CA GLY A 119 0.76 12.19 12.65
C GLY A 119 0.71 12.13 11.14
N PRO A 120 -0.50 12.20 10.58
CA PRO A 120 -0.63 12.10 9.11
C PRO A 120 0.17 13.13 8.36
N ALA A 121 0.29 14.37 8.88
CA ALA A 121 1.03 15.39 8.16
C ALA A 121 2.52 15.09 8.15
N SER A 122 3.00 14.33 9.14
CA SER A 122 4.39 13.93 9.15
CA SER A 122 4.40 13.91 9.17
C SER A 122 4.66 12.79 8.18
N VAL A 123 3.73 11.84 8.05
CA VAL A 123 3.86 10.84 6.99
C VAL A 123 3.87 11.53 5.63
N THR A 124 2.98 12.49 5.44
CA THR A 124 2.94 13.24 4.19
C THR A 124 4.27 13.99 3.95
N ALA A 125 4.83 14.61 4.99
CA ALA A 125 6.09 15.32 4.84
C ALA A 125 7.22 14.37 4.46
N PHE A 126 7.21 13.15 4.99
CA PHE A 126 8.17 12.13 4.56
C PHE A 126 8.04 11.84 3.07
N ALA A 127 6.81 11.66 2.59
CA ALA A 127 6.60 11.46 1.16
C ALA A 127 7.18 12.63 0.35
N ARG A 128 6.91 13.86 0.79
CA ARG A 128 7.45 15.01 0.07
C ARG A 128 8.99 14.98 0.02
N GLN A 129 9.62 14.56 1.11
CA GLN A 129 11.09 14.49 1.14
C GLN A 129 11.62 13.50 0.13
N LEU A 130 10.85 12.46 -0.17
CA LEU A 130 11.21 11.49 -1.19
C LEU A 130 11.01 12.02 -2.59
N GLY A 131 10.33 13.15 -2.76
CA GLY A 131 10.00 13.65 -4.07
C GLY A 131 8.61 13.25 -4.56
N ASP A 132 7.77 12.73 -3.67
CA ASP A 132 6.38 12.39 -3.99
C ASP A 132 5.55 13.55 -3.50
N GLU A 133 5.10 14.37 -4.45
CA GLU A 133 4.31 15.56 -4.16
C GLU A 133 2.82 15.31 -4.36
N THR A 134 2.40 14.06 -4.53
CA THR A 134 1.02 13.69 -4.76
C THR A 134 0.37 13.04 -3.56
N PHE A 135 1.08 12.11 -2.92
CA PHE A 135 0.59 11.41 -1.75
C PHE A 135 0.08 12.38 -0.70
N ARG A 136 -1.08 12.08 -0.12
CA ARG A 136 -1.50 12.80 1.06
C ARG A 136 -2.17 11.82 2.01
N LEU A 137 -1.67 11.77 3.25
CA LEU A 137 -2.33 11.10 4.35
C LEU A 137 -2.89 12.19 5.24
N ASP A 138 -4.21 12.21 5.36
CA ASP A 138 -4.94 13.25 6.06
C ASP A 138 -5.45 12.82 7.42
N ARG A 139 -5.90 11.57 7.53
CA ARG A 139 -6.62 11.05 8.68
C ARG A 139 -5.93 9.81 9.23
N THR A 140 -6.36 9.41 10.42
CA THR A 140 -5.95 8.17 11.06
C THR A 140 -6.96 7.06 10.72
N GLU A 141 -6.69 5.85 11.25
CA GLU A 141 -7.67 4.76 11.17
C GLU A 141 -8.72 4.99 12.24
N PRO A 142 -10.01 4.74 11.94
CA PRO A 142 -10.52 4.08 10.73
C PRO A 142 -10.99 5.02 9.65
N THR A 143 -11.02 6.33 9.92
CA THR A 143 -11.69 7.24 9.02
C THR A 143 -10.97 7.46 7.69
N LEU A 144 -9.70 7.08 7.58
CA LEU A 144 -8.98 7.33 6.33
C LEU A 144 -9.51 6.52 5.15
N ASN A 145 -10.43 5.58 5.39
CA ASN A 145 -10.92 4.67 4.34
C ASN A 145 -12.27 5.07 3.76
N THR A 146 -12.81 6.25 4.05
CA THR A 146 -14.18 6.56 3.62
C THR A 146 -14.31 6.56 2.10
N ALA A 147 -13.27 7.00 1.38
CA ALA A 147 -13.23 6.88 -0.08
C ALA A 147 -14.42 7.52 -0.79
N ILE A 148 -14.82 8.70 -0.32
CA ILE A 148 -15.95 9.39 -0.92
C ILE A 148 -15.54 9.90 -2.30
N PRO A 149 -16.32 9.70 -3.35
CA PRO A 149 -15.90 10.18 -4.67
C PRO A 149 -15.73 11.70 -4.64
N GLY A 150 -14.62 12.17 -5.25
CA GLY A 150 -14.32 13.59 -5.30
C GLY A 150 -13.55 14.11 -4.10
N ASP A 151 -13.38 13.31 -3.07
CA ASP A 151 -12.72 13.74 -1.84
C ASP A 151 -11.23 13.45 -1.97
N PRO A 152 -10.34 14.46 -1.89
CA PRO A 152 -8.93 14.20 -2.05
C PRO A 152 -8.26 13.68 -0.79
N ARG A 153 -8.95 13.63 0.36
CA ARG A 153 -8.28 13.18 1.57
C ARG A 153 -7.78 11.74 1.41
N ASP A 154 -6.57 11.49 1.89
CA ASP A 154 -6.05 10.13 1.97
C ASP A 154 -5.97 9.47 0.60
N THR A 155 -5.57 10.25 -0.41
CA THR A 155 -5.44 9.77 -1.77
C THR A 155 -4.02 9.90 -2.29
N THR A 156 -3.75 9.15 -3.35
CA THR A 156 -2.61 9.39 -4.22
C THR A 156 -3.00 8.97 -5.62
N SER A 157 -2.06 9.12 -6.57
CA SER A 157 -2.29 8.64 -7.92
C SER A 157 -1.55 7.33 -8.15
N PRO A 158 -2.00 6.54 -9.13
CA PRO A 158 -1.24 5.30 -9.43
C PRO A 158 0.20 5.59 -9.82
N ARG A 159 0.43 6.61 -10.65
CA ARG A 159 1.79 6.93 -11.07
C ARG A 159 2.66 7.26 -9.87
N ALA A 160 2.17 8.13 -9.00
CA ALA A 160 3.00 8.55 -7.88
C ALA A 160 3.29 7.38 -6.96
N MET A 161 2.30 6.54 -6.71
CA MET A 161 2.53 5.44 -5.78
C MET A 161 3.44 4.39 -6.39
N ALA A 162 3.36 4.17 -7.70
CA ALA A 162 4.27 3.23 -8.34
C ALA A 162 5.70 3.76 -8.25
N GLN A 163 5.88 5.05 -8.57
CA GLN A 163 7.23 5.62 -8.54
C GLN A 163 7.78 5.59 -7.12
N THR A 164 6.93 5.90 -6.15
CA THR A 164 7.39 5.87 -4.76
C THR A 164 7.68 4.46 -4.28
N LEU A 165 6.82 3.51 -4.61
CA LEU A 165 7.08 2.14 -4.19
C LEU A 165 8.37 1.63 -4.83
N ARG A 166 8.63 1.99 -6.08
CA ARG A 166 9.91 1.63 -6.68
C ARG A 166 11.07 2.21 -5.86
N ASN A 167 10.98 3.49 -5.52
CA ASN A 167 12.03 4.14 -4.73
C ASN A 167 12.25 3.43 -3.41
N LEU A 168 11.16 3.09 -2.71
CA LEU A 168 11.25 2.48 -1.38
C LEU A 168 11.80 1.06 -1.42
N THR A 169 11.37 0.24 -2.38
CA THR A 169 11.70 -1.18 -2.36
C THR A 169 12.89 -1.55 -3.25
N LEU A 170 13.16 -0.81 -4.31
CA LEU A 170 14.23 -1.11 -5.26
C LEU A 170 15.26 0.00 -5.35
N GLY A 171 14.88 1.24 -5.05
CA GLY A 171 15.75 2.37 -5.12
C GLY A 171 16.37 2.66 -3.78
N LYS A 172 16.69 3.94 -3.56
CA LYS A 172 17.57 4.37 -2.47
C LYS A 172 16.88 5.29 -1.47
N ALA A 173 15.56 5.27 -1.39
CA ALA A 173 14.87 6.08 -0.40
C ALA A 173 15.33 5.72 1.01
N LEU A 174 15.53 4.45 1.25
CA LEU A 174 15.86 3.90 2.56
C LEU A 174 17.28 3.35 2.52
N GLY A 175 17.88 3.29 3.70
CA GLY A 175 19.17 2.64 3.86
C GLY A 175 19.08 1.17 3.53
N ASP A 176 20.25 0.55 3.39
CA ASP A 176 20.29 -0.83 2.91
C ASP A 176 19.48 -1.76 3.81
N SER A 177 19.70 -1.70 5.11
CA SER A 177 18.98 -2.57 6.01
C SER A 177 17.48 -2.27 5.96
N GLN A 178 17.12 -1.00 5.91
CA GLN A 178 15.72 -0.60 6.01
C GLN A 178 14.96 -0.99 4.74
N ARG A 179 15.55 -0.79 3.56
CA ARG A 179 14.94 -1.25 2.33
C ARG A 179 14.69 -2.75 2.39
N ALA A 180 15.70 -3.51 2.81
CA ALA A 180 15.55 -4.95 2.91
C ALA A 180 14.42 -5.29 3.87
N GLN A 181 14.32 -4.56 4.99
CA GLN A 181 13.27 -4.84 5.98
C GLN A 181 11.88 -4.61 5.38
N LEU A 182 11.71 -3.52 4.63
CA LEU A 182 10.41 -3.27 4.02
C LEU A 182 10.05 -4.38 3.06
N VAL A 183 11.01 -4.81 2.23
CA VAL A 183 10.77 -5.89 1.29
C VAL A 183 10.44 -7.17 2.03
N THR A 184 11.19 -7.48 3.09
CA THR A 184 10.91 -8.68 3.88
C THR A 184 9.48 -8.63 4.42
N TRP A 185 9.09 -7.49 4.99
CA TRP A 185 7.74 -7.39 5.53
C TRP A 185 6.68 -7.58 4.46
N MET A 186 6.84 -6.92 3.30
CA MET A 186 5.84 -7.01 2.25
C MET A 186 5.78 -8.41 1.65
N LYS A 187 6.92 -9.08 1.49
CA LYS A 187 6.90 -10.45 1.00
C LYS A 187 6.18 -11.39 1.98
N GLY A 188 6.08 -11.06 3.27
CA GLY A 188 5.38 -11.87 4.25
C GLY A 188 3.91 -11.58 4.50
N ASN A 189 3.26 -10.70 3.73
CA ASN A 189 1.84 -10.41 3.91
C ASN A 189 0.95 -11.65 3.87
N THR A 190 -0.05 -11.72 4.77
CA THR A 190 -0.93 -12.89 4.85
C THR A 190 -2.10 -12.80 3.87
N THR A 191 -2.36 -11.62 3.36
CA THR A 191 -3.30 -11.49 2.29
C THR A 191 -2.54 -11.05 1.04
N GLY A 192 -3.30 -10.88 0.00
CA GLY A 192 -2.80 -10.48 -1.28
C GLY A 192 -2.98 -11.50 -2.36
N ALA A 193 -3.20 -12.78 -2.01
CA ALA A 193 -3.24 -13.80 -3.06
C ALA A 193 -4.40 -13.64 -4.02
N ALA A 194 -5.49 -12.98 -3.59
CA ALA A 194 -6.64 -12.79 -4.46
C ALA A 194 -6.56 -11.55 -5.34
N SER A 195 -5.54 -10.70 -5.16
CA SER A 195 -5.45 -9.43 -5.87
C SER A 195 -4.44 -9.53 -7.00
N ILE A 196 -3.40 -8.68 -7.02
CA ILE A 196 -2.45 -8.72 -8.13
C ILE A 196 -1.92 -10.14 -8.35
N GLN A 197 -1.57 -10.83 -7.26
CA GLN A 197 -0.98 -12.17 -7.38
C GLN A 197 -1.85 -13.14 -8.17
N ALA A 198 -3.18 -12.99 -8.06
CA ALA A 198 -4.10 -13.89 -8.76
C ALA A 198 -4.05 -13.70 -10.27
N GLY A 199 -3.47 -12.61 -10.76
CA GLY A 199 -3.30 -12.37 -12.17
C GLY A 199 -1.91 -12.66 -12.71
N LEU A 200 -1.03 -13.25 -11.91
CA LEU A 200 0.36 -13.51 -12.28
C LEU A 200 0.63 -15.01 -12.23
N PRO A 201 1.62 -15.50 -12.99
CA PRO A 201 2.02 -16.90 -12.85
C PRO A 201 2.38 -17.27 -11.42
N ALA A 202 2.16 -18.54 -11.10
CA ALA A 202 2.40 -19.05 -9.76
C ALA A 202 3.86 -18.91 -9.33
N SER A 203 4.80 -18.93 -10.27
CA SER A 203 6.21 -18.92 -9.90
C SER A 203 6.71 -17.52 -9.56
N TRP A 204 5.98 -16.46 -9.89
CA TRP A 204 6.51 -15.13 -9.66
C TRP A 204 6.44 -14.79 -8.17
N VAL A 205 7.41 -14.04 -7.72
CA VAL A 205 7.53 -13.67 -6.31
C VAL A 205 7.02 -12.25 -6.14
N VAL A 206 6.17 -12.04 -5.12
CA VAL A 206 5.49 -10.77 -4.93
C VAL A 206 5.60 -10.30 -3.49
N GLY A 207 5.85 -9.01 -3.33
CA GLY A 207 5.62 -8.34 -2.08
C GLY A 207 4.56 -7.29 -2.32
N ASP A 208 3.45 -7.34 -1.59
CA ASP A 208 2.36 -6.43 -1.87
C ASP A 208 1.67 -5.99 -0.60
N LYS A 209 0.85 -4.95 -0.75
CA LYS A 209 -0.07 -4.52 0.30
CA LYS A 209 -0.06 -4.52 0.30
C LYS A 209 -1.40 -4.16 -0.34
N THR A 210 -2.48 -4.80 0.13
CA THR A 210 -3.81 -4.53 -0.35
C THR A 210 -4.49 -3.47 0.50
N GLY A 211 -5.66 -3.05 0.05
CA GLY A 211 -6.54 -2.25 0.87
C GLY A 211 -7.96 -2.27 0.33
N SER A 212 -8.90 -1.85 1.17
CA SER A 212 -10.29 -1.71 0.75
C SER A 212 -10.96 -0.67 1.66
N GLY A 213 -12.11 -0.18 1.21
CA GLY A 213 -12.80 0.83 1.98
C GLY A 213 -14.14 1.14 1.38
N GLY A 214 -14.64 2.33 1.68
CA GLY A 214 -15.95 2.70 1.21
C GLY A 214 -16.04 2.71 -0.30
N TYR A 215 -17.27 2.71 -0.79
CA TYR A 215 -17.50 2.78 -2.23
C TYR A 215 -16.84 1.60 -2.95
N GLY A 216 -16.79 0.45 -2.29
CA GLY A 216 -16.24 -0.73 -2.94
C GLY A 216 -14.80 -0.58 -3.36
N THR A 217 -14.06 0.29 -2.68
CA THR A 217 -12.69 0.54 -3.04
C THR A 217 -11.88 -0.72 -2.78
N THR A 218 -11.07 -1.10 -3.77
CA THR A 218 -10.31 -2.35 -3.74
C THR A 218 -8.96 -2.05 -4.37
N ASN A 219 -7.88 -2.18 -3.62
CA ASN A 219 -6.56 -1.72 -4.04
C ASN A 219 -5.49 -2.77 -3.79
N ASP A 220 -4.38 -2.63 -4.51
CA ASP A 220 -3.18 -3.43 -4.26
C ASP A 220 -2.00 -2.69 -4.86
N ILE A 221 -0.87 -2.72 -4.15
CA ILE A 221 0.40 -2.18 -4.65
C ILE A 221 1.46 -3.26 -4.44
N ALA A 222 2.31 -3.48 -5.44
CA ALA A 222 3.19 -4.63 -5.41
C ALA A 222 4.52 -4.35 -6.07
N VAL A 223 5.53 -5.01 -5.52
CA VAL A 223 6.81 -5.24 -6.20
C VAL A 223 6.83 -6.72 -6.60
N ILE A 224 7.23 -6.99 -7.84
CA ILE A 224 7.06 -8.29 -8.45
C ILE A 224 8.39 -8.71 -9.05
N TRP A 225 8.82 -9.94 -8.77
CA TRP A 225 10.02 -10.54 -9.34
C TRP A 225 9.60 -11.68 -10.24
N PRO A 226 9.42 -11.43 -11.53
CA PRO A 226 9.17 -12.52 -12.46
C PRO A 226 10.40 -13.39 -12.56
N LYS A 227 10.17 -14.62 -12.98
CA LYS A 227 11.25 -15.58 -13.07
C LYS A 227 12.37 -15.09 -13.98
N ASP A 228 13.56 -14.94 -13.41
CA ASP A 228 14.79 -14.60 -14.17
C ASP A 228 14.70 -13.28 -14.91
N ARG A 229 13.96 -12.31 -14.36
CA ARG A 229 13.75 -11.03 -15.01
C ARG A 229 13.89 -9.91 -13.99
N ALA A 230 14.09 -8.71 -14.50
CA ALA A 230 14.13 -7.58 -13.61
C ALA A 230 12.74 -7.34 -13.00
N PRO A 231 12.71 -6.76 -11.81
CA PRO A 231 11.42 -6.60 -11.15
C PRO A 231 10.53 -5.56 -11.81
N LEU A 232 9.26 -5.71 -11.49
CA LEU A 232 8.20 -4.78 -11.87
C LEU A 232 7.64 -4.15 -10.60
N ILE A 233 7.07 -2.96 -10.77
CA ILE A 233 6.24 -2.33 -9.76
C ILE A 233 4.85 -2.18 -10.37
N LEU A 234 3.81 -2.56 -9.62
CA LEU A 234 2.45 -2.44 -10.14
C LEU A 234 1.54 -1.89 -9.05
N VAL A 235 0.79 -0.85 -9.40
CA VAL A 235 -0.26 -0.29 -8.58
C VAL A 235 -1.57 -0.47 -9.32
N THR A 236 -2.55 -1.08 -8.65
CA THR A 236 -3.92 -1.21 -9.19
C THR A 236 -4.87 -0.68 -8.12
N TYR A 237 -5.54 0.42 -8.43
CA TYR A 237 -6.53 1.04 -7.56
C TYR A 237 -7.88 0.94 -8.25
N PHE A 238 -8.93 0.72 -7.47
CA PHE A 238 -10.26 0.55 -8.05
C PHE A 238 -11.30 1.07 -7.06
N THR A 239 -12.31 1.77 -7.57
CA THR A 239 -13.39 2.25 -6.71
C THR A 239 -14.67 2.31 -7.54
N GLN A 240 -15.80 2.36 -6.85
CA GLN A 240 -17.10 2.13 -7.46
C GLN A 240 -18.08 3.24 -7.12
N PRO A 241 -19.21 3.30 -7.83
CA PRO A 241 -20.14 4.40 -7.58
C PRO A 241 -20.99 4.29 -6.33
N GLN A 242 -21.24 3.10 -5.84
CA GLN A 242 -22.22 2.89 -4.79
C GLN A 242 -21.54 2.82 -3.45
N PRO A 243 -22.06 3.51 -2.43
CA PRO A 243 -21.39 3.47 -1.12
C PRO A 243 -21.16 2.08 -0.58
N LYS A 244 -22.11 1.16 -0.80
CA LYS A 244 -22.05 -0.18 -0.23
C LYS A 244 -21.62 -1.23 -1.25
N ALA A 245 -20.97 -0.80 -2.33
CA ALA A 245 -20.46 -1.76 -3.30
C ALA A 245 -19.50 -2.74 -2.62
N GLU A 246 -19.50 -3.96 -3.13
CA GLU A 246 -18.64 -5.01 -2.61
C GLU A 246 -17.26 -4.95 -3.25
N SER A 247 -16.27 -5.48 -2.54
CA SER A 247 -14.91 -5.51 -3.06
C SER A 247 -14.82 -6.33 -4.34
N ARG A 248 -13.88 -5.93 -5.20
CA ARG A 248 -13.69 -6.57 -6.50
C ARG A 248 -12.20 -6.86 -6.70
N ARG A 249 -11.69 -7.81 -5.93
CA ARG A 249 -10.29 -8.20 -6.08
C ARG A 249 -10.00 -8.79 -7.45
N ASP A 250 -11.01 -9.41 -8.06
CA ASP A 250 -10.88 -9.96 -9.38
C ASP A 250 -10.51 -8.92 -10.43
N ILE A 251 -10.98 -7.68 -10.27
CA ILE A 251 -10.63 -6.63 -11.21
C ILE A 251 -9.14 -6.32 -11.15
N LEU A 252 -8.57 -6.32 -9.94
CA LEU A 252 -7.13 -6.10 -9.80
C LEU A 252 -6.33 -7.22 -10.45
N ALA A 253 -6.76 -8.47 -10.22
CA ALA A 253 -6.10 -9.61 -10.85
C ALA A 253 -6.17 -9.49 -12.36
N SER A 254 -7.34 -9.12 -12.88
CA SER A 254 -7.48 -9.01 -14.32
C SER A 254 -6.59 -7.91 -14.90
N ALA A 255 -6.48 -6.78 -14.18
CA ALA A 255 -5.62 -5.71 -14.63
C ALA A 255 -4.17 -6.18 -14.66
N ALA A 256 -3.74 -6.87 -13.60
CA ALA A 256 -2.38 -7.40 -13.54
C ALA A 256 -2.09 -8.32 -14.72
N LYS A 257 -3.04 -9.19 -15.06
CA LYS A 257 -2.85 -10.10 -16.20
C LYS A 257 -2.72 -9.34 -17.49
N ILE A 258 -3.54 -8.30 -17.68
CA ILE A 258 -3.48 -7.51 -18.90
C ILE A 258 -2.11 -6.87 -19.09
N VAL A 259 -1.56 -6.28 -18.02
CA VAL A 259 -0.36 -5.44 -18.17
C VAL A 259 0.95 -6.23 -18.10
N THR A 260 0.89 -7.52 -17.82
CA THR A 260 2.07 -8.37 -17.77
C THR A 260 2.04 -9.38 -18.91
N ASP A 261 3.20 -10.00 -19.13
CA ASP A 261 3.39 -11.10 -20.10
C ASP A 261 3.62 -12.33 -19.24
N GLY A 262 2.54 -12.91 -18.74
CA GLY A 262 2.63 -14.03 -17.83
C GLY A 262 1.49 -15.00 -18.07
C4 MK7 B . -9.83 -4.07 6.71
C5 MK7 B . -13.30 -0.04 9.60
C6 MK7 B . -14.11 1.43 7.90
C7 MK7 B . -7.66 -2.77 6.86
C8 MK7 B . -7.20 -1.60 4.73
C10 MK7 B . -9.54 -1.88 5.46
C1 MK7 B . -10.23 -3.24 5.51
C2 MK7 B . -12.48 -0.83 8.61
C3 MK7 B . -13.32 0.66 6.79
C9 MK7 B . -12.12 0.09 7.42
C11 MK7 B . -10.06 -0.93 6.52
C12 MK7 B . -8.31 -4.18 6.99
N13 MK7 B . -14.50 0.54 8.98
N14 MK7 B . -11.42 -0.75 6.46
N15 MK7 B . -7.63 -5.12 6.08
N16 MK7 B . -8.09 -2.06 5.68
O17 MK7 B . -7.29 -5.15 2.47
O18 MK7 B . -7.59 -1.13 3.67
O19 MK7 B . -9.35 -0.34 7.33
O20 MK7 B . -6.23 -6.58 4.03
O21 MK7 B . -5.81 -4.17 4.07
O22 MK7 B . -8.03 -5.01 4.78
S23 MK7 B . -6.63 -5.23 3.76
H1 MK7 B . -10.17 -4.98 6.59
H2 MK7 B . -10.25 -3.69 7.51
H3 MK7 B . -13.59 -0.62 10.33
H4 MK7 B . -12.77 0.68 9.99
H5 MK7 B . -13.56 2.14 8.26
H6 MK7 B . -14.90 1.83 7.52
H7 MK7 B . -6.69 -2.85 6.83
H8 MK7 B . -7.89 -2.23 7.64
H10 MK7 B . -9.67 -1.41 4.62
H11 MK7 B . -10.01 -3.73 4.71
H12 MK7 B . -11.19 -3.11 5.52
H13 MK7 B . -11.67 -1.16 9.04
H14 MK7 B . -12.99 -1.59 8.29
H15 MK7 B . -13.05 1.24 6.06
H16 MK7 B . -13.84 -0.06 6.40
H17 MK7 B . -11.57 0.83 7.73
H18 MK7 B . -8.15 -4.45 7.92
H19 MK7 B . -14.89 1.05 9.60
H21 MK7 B . -11.87 -1.15 5.84
H22 MK7 B . -7.89 -5.94 6.31
#